data_5KAM
#
_entry.id   5KAM
#
_cell.length_a   94.054
_cell.length_b   109.819
_cell.length_c   45.292
_cell.angle_alpha   90.00
_cell.angle_beta   90.00
_cell.angle_gamma   90.00
#
_symmetry.space_group_name_H-M   'P 2 21 2'
#
loop_
_entity.id
_entity.type
_entity.pdbx_description
1 polymer 'Hypoxanthine-guanine phosphoribosyltransferase'
2 non-polymer 'INOSINIC ACID'
3 non-polymer 'SULFATE ION'
4 non-polymer 'MAGNESIUM ION'
5 water water
#
_entity_poly.entity_id   1
_entity_poly.type   'polypeptide(L)'
_entity_poly.pdbx_seq_one_letter_code
;HHHHHHMEPACKYDFATSVLFTEAELHTRMRGVAQRIADDYSNCNLKPLENPLVIVSVLKGSFVFTADMVRILGDFGVPT
RVEFLRASSYGHDTKSCGRVDVKADGLCDIRGKHVLVLEDILDTALTLREVVDSLKKSEPASIKTLVAIDKPGGRKIPFT
AEYVVADVPNVFVVGYGLDYDQSYREVRDVVILKPSVYETWGKELERRKAAGEAKR
;
_entity_poly.pdbx_strand_id   A,C
#
# COMPACT_ATOMS: atom_id res chain seq x y z
N THR A 17 -29.44 14.73 7.38
CA THR A 17 -29.83 15.87 8.20
C THR A 17 -29.59 15.60 9.67
N SER A 18 -30.48 14.83 10.29
CA SER A 18 -30.42 14.53 11.70
C SER A 18 -30.53 13.04 11.93
N VAL A 19 -30.10 12.59 13.11
CA VAL A 19 -30.11 11.19 13.48
C VAL A 19 -31.37 10.91 14.30
N LEU A 20 -32.10 9.86 13.91
CA LEU A 20 -33.29 9.44 14.64
C LEU A 20 -33.00 8.33 15.64
N PHE A 21 -32.26 7.30 15.22
CA PHE A 21 -31.88 6.20 16.08
C PHE A 21 -30.48 5.75 15.71
N THR A 22 -29.66 5.49 16.73
CA THR A 22 -28.30 5.02 16.50
C THR A 22 -28.25 3.50 16.57
N GLU A 23 -27.11 2.94 16.15
CA GLU A 23 -26.92 1.50 16.19
C GLU A 23 -27.05 0.97 17.62
N ALA A 24 -26.59 1.73 18.61
CA ALA A 24 -26.72 1.32 19.99
C ALA A 24 -28.18 1.30 20.43
N GLU A 25 -28.96 2.31 20.02
CA GLU A 25 -30.38 2.34 20.35
C GLU A 25 -31.12 1.19 19.70
N LEU A 26 -30.80 0.88 18.44
CA LEU A 26 -31.46 -0.20 17.74
C LEU A 26 -31.18 -1.55 18.40
N HIS A 27 -29.90 -1.82 18.67
CA HIS A 27 -29.54 -3.09 19.28
C HIS A 27 -30.15 -3.25 20.67
N THR A 28 -30.28 -2.14 21.41
CA THR A 28 -30.93 -2.22 22.71
C THR A 28 -32.41 -2.58 22.57
N ARG A 29 -33.10 -1.94 21.63
CA ARG A 29 -34.49 -2.28 21.36
C ARG A 29 -34.62 -3.70 20.83
N MET A 30 -33.67 -4.11 19.97
CA MET A 30 -33.72 -5.47 19.42
C MET A 30 -33.46 -6.52 20.48
N ARG A 31 -32.72 -6.18 21.54
CA ARG A 31 -32.55 -7.12 22.65
C ARG A 31 -33.84 -7.23 23.45
N GLY A 32 -34.57 -6.13 23.62
CA GLY A 32 -35.85 -6.19 24.30
C GLY A 32 -36.88 -6.97 23.49
N VAL A 33 -36.89 -6.76 22.17
CA VAL A 33 -37.78 -7.53 21.30
C VAL A 33 -37.38 -9.01 21.31
N ALA A 34 -36.07 -9.28 21.33
CA ALA A 34 -35.60 -10.66 21.34
C ALA A 34 -36.09 -11.40 22.59
N GLN A 35 -36.06 -10.73 23.74
CA GLN A 35 -36.56 -11.35 24.97
C GLN A 35 -38.04 -11.66 24.85
N ARG A 36 -38.80 -10.80 24.17
CA ARG A 36 -40.22 -11.07 23.95
C ARG A 36 -40.41 -12.26 23.02
N ILE A 37 -39.64 -12.30 21.92
CA ILE A 37 -39.72 -13.44 21.00
C ILE A 37 -39.29 -14.73 21.69
N ALA A 38 -38.32 -14.64 22.61
CA ALA A 38 -37.91 -15.82 23.35
C ALA A 38 -39.01 -16.32 24.28
N ASP A 39 -39.74 -15.40 24.91
CA ASP A 39 -40.82 -15.81 25.81
C ASP A 39 -42.06 -16.25 25.04
N ASP A 40 -42.38 -15.56 23.94
CA ASP A 40 -43.58 -15.88 23.18
C ASP A 40 -43.47 -17.20 22.42
N TYR A 41 -42.25 -17.65 22.12
CA TYR A 41 -42.03 -18.89 21.39
C TYR A 41 -41.52 -20.01 22.28
N SER A 42 -41.80 -19.95 23.59
CA SER A 42 -41.28 -20.96 24.50
C SER A 42 -42.04 -22.27 24.37
N ASN A 43 -43.37 -22.22 24.25
CA ASN A 43 -44.17 -23.43 24.10
C ASN A 43 -43.95 -24.12 22.77
N CYS A 44 -43.34 -23.45 21.79
CA CYS A 44 -42.84 -24.12 20.61
C CYS A 44 -41.46 -24.71 20.82
N ASN A 45 -40.70 -24.17 21.77
CA ASN A 45 -39.34 -24.58 22.12
C ASN A 45 -38.50 -24.90 20.89
N LEU A 46 -37.84 -23.90 20.33
CA LEU A 46 -37.12 -24.06 19.08
C LEU A 46 -35.75 -24.68 19.33
N LYS A 47 -35.42 -25.71 18.54
CA LYS A 47 -34.11 -26.34 18.52
C LYS A 47 -33.55 -26.32 17.10
N PRO A 48 -32.23 -26.25 16.95
CA PRO A 48 -31.66 -26.24 15.59
C PRO A 48 -32.03 -27.49 14.81
N LEU A 49 -32.05 -27.34 13.48
CA LEU A 49 -32.34 -28.42 12.54
C LEU A 49 -33.79 -28.90 12.63
N GLU A 50 -34.18 -29.44 13.78
CA GLU A 50 -35.49 -30.07 13.88
C GLU A 50 -36.61 -29.03 13.89
N ASN A 51 -36.48 -27.99 14.69
CA ASN A 51 -37.53 -26.98 14.85
C ASN A 51 -36.91 -25.59 14.91
N PRO A 52 -36.43 -25.08 13.77
CA PRO A 52 -35.86 -23.73 13.76
C PRO A 52 -36.88 -22.67 13.39
N LEU A 53 -36.68 -21.48 13.97
CA LEU A 53 -37.51 -20.33 13.62
C LEU A 53 -37.15 -19.87 12.21
N VAL A 54 -38.06 -20.04 11.27
CA VAL A 54 -37.80 -19.71 9.87
C VAL A 54 -37.87 -18.19 9.73
N ILE A 55 -36.73 -17.57 9.40
CA ILE A 55 -36.63 -16.13 9.21
C ILE A 55 -36.77 -15.84 7.73
N VAL A 56 -37.74 -15.00 7.37
CA VAL A 56 -38.02 -14.63 6.00
C VAL A 56 -37.61 -13.17 5.84
N SER A 57 -36.47 -12.94 5.19
CA SER A 57 -35.91 -11.60 5.02
C SER A 57 -36.27 -11.05 3.65
N VAL A 58 -36.82 -9.84 3.62
CA VAL A 58 -37.26 -9.20 2.39
C VAL A 58 -36.14 -8.32 1.87
N LEU A 59 -35.49 -8.74 0.80
CA LEU A 59 -34.39 -8.00 0.21
C LEU A 59 -34.86 -6.68 -0.41
N LYS A 60 -33.99 -5.66 -0.46
CA LYS A 60 -32.61 -5.76 -0.02
C LYS A 60 -32.38 -5.23 1.38
N GLY A 61 -33.09 -4.13 1.71
CA GLY A 61 -32.80 -3.37 2.92
C GLY A 61 -32.85 -4.16 4.22
N SER A 62 -33.52 -5.31 4.22
CA SER A 62 -33.66 -6.08 5.45
C SER A 62 -32.41 -6.88 5.81
N PHE A 63 -31.40 -6.91 4.94
CA PHE A 63 -30.26 -7.80 5.19
C PHE A 63 -29.42 -7.33 6.38
N VAL A 64 -29.29 -6.01 6.55
CA VAL A 64 -28.60 -5.49 7.73
C VAL A 64 -29.39 -5.84 9.00
N PHE A 65 -30.69 -5.59 8.97
CA PHE A 65 -31.53 -5.87 10.14
C PHE A 65 -31.61 -7.37 10.41
N THR A 66 -31.63 -8.19 9.36
CA THR A 66 -31.69 -9.64 9.56
C THR A 66 -30.40 -10.17 10.13
N ALA A 67 -29.25 -9.67 9.67
CA ALA A 67 -27.97 -10.17 10.15
C ALA A 67 -27.78 -9.89 11.63
N ASP A 68 -28.17 -8.70 12.09
CA ASP A 68 -28.05 -8.39 13.51
C ASP A 68 -29.07 -9.16 14.34
N MET A 69 -30.29 -9.31 13.82
CA MET A 69 -31.36 -9.89 14.61
C MET A 69 -31.14 -11.39 14.84
N VAL A 70 -30.63 -12.12 13.85
CA VAL A 70 -30.39 -13.54 14.05
C VAL A 70 -29.25 -13.76 15.05
N ARG A 71 -28.26 -12.86 15.07
CA ARG A 71 -27.18 -12.98 16.05
C ARG A 71 -27.65 -12.61 17.45
N ILE A 72 -28.73 -11.84 17.58
CA ILE A 72 -29.28 -11.51 18.88
C ILE A 72 -30.26 -12.58 19.36
N LEU A 73 -31.09 -13.13 18.45
CA LEU A 73 -32.03 -14.16 18.84
C LEU A 73 -31.31 -15.43 19.29
N GLY A 74 -30.18 -15.75 18.66
CA GLY A 74 -29.37 -16.86 19.13
C GLY A 74 -28.83 -16.62 20.52
N ASP A 75 -28.49 -15.37 20.83
CA ASP A 75 -28.06 -15.01 22.18
C ASP A 75 -29.15 -15.22 23.21
N PHE A 76 -30.41 -15.34 22.78
CA PHE A 76 -31.55 -15.46 23.68
C PHE A 76 -32.21 -16.84 23.60
N GLY A 77 -31.47 -17.84 23.12
CA GLY A 77 -31.99 -19.19 23.06
C GLY A 77 -32.94 -19.47 21.92
N VAL A 78 -32.98 -18.63 20.89
CA VAL A 78 -33.88 -18.81 19.76
C VAL A 78 -33.05 -19.13 18.52
N PRO A 79 -32.91 -20.41 18.14
CA PRO A 79 -32.21 -20.74 16.91
C PRO A 79 -33.06 -20.43 15.69
N THR A 80 -32.41 -19.98 14.63
CA THR A 80 -33.12 -19.47 13.46
C THR A 80 -32.58 -20.11 12.18
N ARG A 81 -33.34 -19.89 11.10
CA ARG A 81 -32.97 -20.31 9.76
C ARG A 81 -33.55 -19.30 8.79
N VAL A 82 -32.73 -18.80 7.87
CA VAL A 82 -33.05 -17.60 7.11
C VAL A 82 -33.41 -17.96 5.67
N GLU A 83 -34.37 -17.22 5.11
CA GLU A 83 -34.69 -17.25 3.70
C GLU A 83 -34.79 -15.81 3.20
N PHE A 84 -34.60 -15.62 1.91
CA PHE A 84 -34.55 -14.28 1.33
C PHE A 84 -35.54 -14.17 0.17
N LEU A 85 -36.40 -13.15 0.23
CA LEU A 85 -37.36 -12.86 -0.82
C LEU A 85 -36.94 -11.62 -1.60
N ARG A 86 -37.32 -11.59 -2.88
CA ARG A 86 -36.95 -10.52 -3.80
C ARG A 86 -35.43 -10.35 -3.88
N ARG A 111 -43.77 -25.13 5.36
CA ARG A 111 -45.01 -25.80 5.76
C ARG A 111 -44.85 -26.46 7.12
N GLY A 112 -45.83 -26.24 8.00
CA GLY A 112 -45.80 -26.80 9.34
C GLY A 112 -44.79 -26.20 10.28
N LYS A 113 -44.00 -25.22 9.84
CA LYS A 113 -42.98 -24.59 10.66
C LYS A 113 -43.43 -23.19 11.07
N HIS A 114 -42.78 -22.68 12.12
CA HIS A 114 -43.09 -21.35 12.62
C HIS A 114 -42.28 -20.31 11.87
N VAL A 115 -42.95 -19.27 11.37
CA VAL A 115 -42.37 -18.30 10.45
C VAL A 115 -42.44 -16.91 11.08
N LEU A 116 -41.34 -16.17 10.97
CA LEU A 116 -41.27 -14.78 11.39
C LEU A 116 -40.70 -13.97 10.23
N VAL A 117 -41.52 -13.13 9.63
CA VAL A 117 -41.13 -12.31 8.49
C VAL A 117 -40.48 -11.03 8.99
N LEU A 118 -39.34 -10.67 8.42
CA LEU A 118 -38.58 -9.50 8.83
C LEU A 118 -38.43 -8.54 7.65
N GLU A 119 -38.79 -7.29 7.86
CA GLU A 119 -38.60 -6.24 6.86
C GLU A 119 -37.96 -5.04 7.52
N ASP A 120 -37.18 -4.29 6.72
CA ASP A 120 -36.44 -3.16 7.26
C ASP A 120 -37.37 -2.03 7.68
N ILE A 121 -38.33 -1.67 6.82
CA ILE A 121 -39.25 -0.58 7.10
C ILE A 121 -40.67 -1.02 6.74
N LEU A 122 -41.64 -0.55 7.52
CA LEU A 122 -43.06 -0.84 7.31
C LEU A 122 -43.76 0.48 7.05
N ASP A 123 -44.13 0.72 5.80
CA ASP A 123 -44.70 2.01 5.40
C ASP A 123 -46.13 1.83 4.92
N THR A 124 -46.32 1.61 3.63
CA THR A 124 -47.66 1.37 3.09
C THR A 124 -48.18 -0.01 3.47
N ALA A 125 -47.30 -0.92 3.89
CA ALA A 125 -47.62 -2.30 4.24
C ALA A 125 -48.20 -3.10 3.08
N LEU A 126 -48.09 -2.59 1.85
CA LEU A 126 -48.63 -3.32 0.70
C LEU A 126 -47.76 -4.53 0.37
N THR A 127 -46.43 -4.38 0.46
CA THR A 127 -45.55 -5.51 0.15
C THR A 127 -45.62 -6.58 1.24
N LEU A 128 -45.61 -6.17 2.51
CA LEU A 128 -45.63 -7.14 3.60
C LEU A 128 -46.97 -7.86 3.68
N ARG A 129 -48.06 -7.18 3.35
CA ARG A 129 -49.37 -7.84 3.32
C ARG A 129 -49.43 -8.93 2.27
N GLU A 130 -48.86 -8.67 1.09
CA GLU A 130 -48.85 -9.66 0.03
C GLU A 130 -47.92 -10.82 0.37
N VAL A 131 -46.79 -10.52 1.03
CA VAL A 131 -45.84 -11.57 1.40
C VAL A 131 -46.44 -12.48 2.46
N VAL A 132 -47.09 -11.91 3.48
CA VAL A 132 -47.68 -12.71 4.54
C VAL A 132 -48.76 -13.62 3.98
N ASP A 133 -49.61 -13.10 3.11
CA ASP A 133 -50.67 -13.92 2.52
C ASP A 133 -50.08 -15.02 1.64
N SER A 134 -49.01 -14.71 0.90
CA SER A 134 -48.38 -15.73 0.07
CA SER A 134 -48.38 -15.73 0.07
C SER A 134 -47.74 -16.82 0.92
N LEU A 135 -47.25 -16.47 2.12
CA LEU A 135 -46.66 -17.46 3.01
C LEU A 135 -47.72 -18.26 3.76
N LYS A 136 -48.90 -17.68 3.97
CA LYS A 136 -50.01 -18.42 4.57
C LYS A 136 -50.55 -19.49 3.63
N LYS A 137 -50.36 -19.35 2.32
CA LYS A 137 -50.80 -20.37 1.37
C LYS A 137 -50.01 -21.66 1.51
N SER A 138 -48.79 -21.59 2.03
CA SER A 138 -48.00 -22.79 2.28
C SER A 138 -48.36 -23.46 3.60
N GLU A 139 -49.29 -22.88 4.37
CA GLU A 139 -49.78 -23.41 5.64
C GLU A 139 -48.63 -23.67 6.60
N PRO A 140 -48.15 -22.65 7.32
CA PRO A 140 -47.07 -22.86 8.29
C PRO A 140 -47.58 -23.43 9.60
N ALA A 141 -47.14 -22.85 10.70
CA ALA A 141 -47.60 -23.17 12.04
C ALA A 141 -47.93 -21.94 12.86
N SER A 142 -47.11 -20.90 12.77
CA SER A 142 -47.39 -19.62 13.41
C SER A 142 -46.57 -18.56 12.69
N ILE A 143 -47.24 -17.61 12.07
CA ILE A 143 -46.58 -16.57 11.26
C ILE A 143 -46.78 -15.23 11.95
N LYS A 144 -45.68 -14.48 12.08
CA LYS A 144 -45.71 -13.14 12.66
C LYS A 144 -44.76 -12.25 11.87
N THR A 145 -44.84 -10.95 12.13
CA THR A 145 -44.02 -9.97 11.44
C THR A 145 -43.19 -9.18 12.44
N LEU A 146 -41.91 -8.98 12.11
CA LEU A 146 -41.00 -8.16 12.90
C LEU A 146 -40.36 -7.15 11.97
N VAL A 147 -40.56 -5.87 12.26
CA VAL A 147 -39.99 -4.79 11.46
C VAL A 147 -39.05 -3.98 12.34
N ALA A 148 -38.04 -3.39 11.70
CA ALA A 148 -37.08 -2.54 12.40
C ALA A 148 -37.60 -1.11 12.52
N ILE A 149 -38.09 -0.54 11.43
CA ILE A 149 -38.61 0.82 11.40
C ILE A 149 -40.05 0.76 10.94
N ASP A 150 -40.96 1.21 11.81
CA ASP A 150 -42.38 1.26 11.49
C ASP A 150 -42.80 2.71 11.33
N LYS A 151 -43.32 3.06 10.16
CA LYS A 151 -43.91 4.37 9.89
C LYS A 151 -45.42 4.21 9.81
N PRO A 152 -46.13 4.32 10.95
CA PRO A 152 -47.59 4.13 10.90
C PRO A 152 -48.32 5.17 10.08
N GLY A 153 -47.75 6.36 9.91
CA GLY A 153 -48.37 7.43 9.16
C GLY A 153 -48.37 7.26 7.66
N GLY A 154 -47.75 6.20 7.13
CA GLY A 154 -47.73 5.94 5.71
C GLY A 154 -48.56 4.77 5.26
N ARG A 155 -49.46 4.24 6.10
CA ARG A 155 -50.24 3.06 5.73
C ARG A 155 -51.21 3.38 4.61
N LYS A 156 -51.21 2.53 3.59
CA LYS A 156 -52.30 2.50 2.62
C LYS A 156 -53.37 1.49 3.00
N ILE A 157 -53.02 0.48 3.80
CA ILE A 157 -53.98 -0.48 4.33
C ILE A 157 -53.68 -0.75 5.79
N PRO A 158 -54.70 -1.09 6.56
CA PRO A 158 -54.47 -1.42 7.98
C PRO A 158 -53.57 -2.63 8.13
N PHE A 159 -52.51 -2.47 8.93
CA PHE A 159 -51.59 -3.57 9.19
C PHE A 159 -50.81 -3.27 10.46
N THR A 160 -50.73 -4.25 11.35
CA THR A 160 -50.01 -4.13 12.61
C THR A 160 -48.97 -5.24 12.69
N ALA A 161 -47.72 -4.87 12.97
CA ALA A 161 -46.67 -5.84 13.17
C ALA A 161 -46.68 -6.35 14.61
N GLU A 162 -46.39 -7.65 14.77
CA GLU A 162 -46.34 -8.22 16.11
C GLU A 162 -45.16 -7.66 16.90
N TYR A 163 -44.05 -7.34 16.25
CA TYR A 163 -42.87 -6.83 16.92
C TYR A 163 -42.31 -5.66 16.12
N VAL A 164 -42.06 -4.55 16.81
CA VAL A 164 -41.55 -3.33 16.20
C VAL A 164 -40.36 -2.84 17.01
N VAL A 165 -39.23 -2.62 16.33
CA VAL A 165 -38.04 -2.13 17.01
C VAL A 165 -38.21 -0.66 17.39
N ALA A 166 -38.53 0.17 16.41
CA ALA A 166 -38.69 1.60 16.64
C ALA A 166 -39.76 2.16 15.72
N ASP A 167 -40.35 3.28 16.13
CA ASP A 167 -41.34 4.00 15.35
C ASP A 167 -40.72 5.27 14.78
N VAL A 168 -41.13 5.62 13.58
CA VAL A 168 -40.61 6.80 12.90
C VAL A 168 -41.78 7.57 12.28
N PRO A 169 -41.83 8.90 12.42
CA PRO A 169 -42.88 9.67 11.74
C PRO A 169 -42.75 9.58 10.23
N ASN A 170 -43.74 10.12 9.54
CA ASN A 170 -43.77 10.01 8.09
C ASN A 170 -42.74 10.92 7.44
N VAL A 171 -41.46 10.57 7.60
CA VAL A 171 -40.36 11.28 6.95
C VAL A 171 -39.45 10.24 6.31
N PHE A 172 -38.74 10.66 5.26
CA PHE A 172 -37.86 9.76 4.53
C PHE A 172 -36.54 9.60 5.26
N VAL A 173 -36.21 8.36 5.64
CA VAL A 173 -35.00 8.07 6.39
C VAL A 173 -34.14 7.11 5.58
N VAL A 174 -32.84 7.11 5.89
CA VAL A 174 -31.89 6.19 5.29
C VAL A 174 -31.03 5.61 6.41
N GLY A 175 -30.23 4.61 6.04
CA GLY A 175 -29.36 3.95 7.00
C GLY A 175 -29.96 2.67 7.54
N TYR A 176 -29.07 1.83 8.07
CA TYR A 176 -29.43 0.51 8.63
C TYR A 176 -30.23 -0.31 7.61
N GLY A 177 -29.70 -0.37 6.39
CA GLY A 177 -30.31 -1.08 5.29
C GLY A 177 -31.16 -0.21 4.38
N LEU A 178 -31.75 0.86 4.91
CA LEU A 178 -32.59 1.72 4.10
C LEU A 178 -31.73 2.56 3.15
N ASP A 179 -32.30 2.84 1.98
CA ASP A 179 -31.55 3.45 0.89
C ASP A 179 -32.32 4.61 0.27
N TYR A 180 -31.58 5.43 -0.47
CA TYR A 180 -32.14 6.31 -1.49
C TYR A 180 -31.41 5.98 -2.79
N ASP A 181 -32.07 5.22 -3.66
CA ASP A 181 -31.48 4.73 -4.90
C ASP A 181 -30.19 3.93 -4.62
N GLN A 182 -30.34 2.89 -3.81
CA GLN A 182 -29.33 1.87 -3.54
C GLN A 182 -28.12 2.39 -2.77
N SER A 183 -28.16 3.60 -2.25
CA SER A 183 -27.05 4.15 -1.48
C SER A 183 -27.48 4.44 -0.05
N TYR A 184 -26.49 4.62 0.82
CA TYR A 184 -26.64 4.93 2.24
C TYR A 184 -27.20 3.79 3.06
N ARG A 185 -27.27 2.57 2.50
CA ARG A 185 -27.68 1.42 3.31
C ARG A 185 -26.68 1.14 4.41
N GLU A 186 -25.40 1.45 4.18
CA GLU A 186 -24.33 1.09 5.09
C GLU A 186 -24.19 2.02 6.29
N VAL A 187 -25.05 3.03 6.41
CA VAL A 187 -25.01 3.90 7.58
C VAL A 187 -25.46 3.13 8.80
N ARG A 188 -24.65 3.18 9.86
CA ARG A 188 -24.94 2.42 11.07
C ARG A 188 -26.17 2.93 11.81
N ASP A 189 -26.68 4.13 11.47
CA ASP A 189 -27.79 4.73 12.18
C ASP A 189 -28.90 5.07 11.19
N VAL A 190 -30.13 5.16 11.72
CA VAL A 190 -31.28 5.59 10.94
C VAL A 190 -31.33 7.12 11.01
N VAL A 191 -31.11 7.77 9.87
CA VAL A 191 -31.02 9.23 9.82
C VAL A 191 -31.94 9.75 8.71
N ILE A 192 -32.25 11.04 8.80
CA ILE A 192 -33.02 11.73 7.78
C ILE A 192 -32.05 12.37 6.79
N LEU A 193 -32.29 12.16 5.50
CA LEU A 193 -31.39 12.66 4.47
C LEU A 193 -31.64 14.13 4.17
N LYS A 194 -30.57 14.83 3.80
CA LYS A 194 -30.68 16.24 3.46
C LYS A 194 -31.53 16.39 2.19
N PRO A 195 -32.43 17.38 2.14
CA PRO A 195 -33.27 17.53 0.94
C PRO A 195 -32.47 17.81 -0.33
N SER A 196 -31.33 18.49 -0.23
CA SER A 196 -30.53 18.75 -1.42
C SER A 196 -29.90 17.48 -1.98
N VAL A 197 -29.84 16.41 -1.19
CA VAL A 197 -29.28 15.15 -1.69
C VAL A 197 -30.18 14.57 -2.78
N TYR A 198 -31.48 14.48 -2.51
CA TYR A 198 -32.42 13.95 -3.50
C TYR A 198 -33.03 15.08 -4.32
N CYS B 11 45.21 28.99 -4.72
CA CYS B 11 46.31 28.76 -5.65
C CYS B 11 46.99 27.41 -5.38
N LYS B 12 47.36 26.72 -6.45
CA LYS B 12 48.03 25.43 -6.35
C LYS B 12 48.65 25.04 -7.68
N TYR B 13 47.85 25.00 -8.74
CA TYR B 13 48.30 24.62 -10.06
C TYR B 13 48.14 25.79 -11.03
N ASP B 14 48.89 25.73 -12.13
CA ASP B 14 48.79 26.75 -13.16
C ASP B 14 47.50 26.63 -13.95
N PHE B 15 47.01 25.41 -14.14
CA PHE B 15 45.83 25.15 -14.97
C PHE B 15 44.52 25.16 -14.17
N ALA B 16 44.58 25.44 -12.87
CA ALA B 16 43.40 25.33 -12.01
C ALA B 16 43.16 26.66 -11.29
N THR B 17 42.07 26.70 -10.53
CA THR B 17 41.72 27.84 -9.68
C THR B 17 41.62 27.47 -8.22
N SER B 18 41.10 26.29 -7.90
CA SER B 18 40.99 25.84 -6.52
C SER B 18 41.02 24.32 -6.50
N VAL B 19 41.49 23.77 -5.37
CA VAL B 19 41.55 22.33 -5.16
C VAL B 19 40.37 21.94 -4.30
N LEU B 20 39.47 21.12 -4.86
CA LEU B 20 38.29 20.69 -4.11
C LEU B 20 38.63 19.56 -3.15
N PHE B 21 39.32 18.53 -3.63
CA PHE B 21 39.72 17.40 -2.80
C PHE B 21 41.13 16.99 -3.17
N THR B 22 41.98 16.83 -2.17
CA THR B 22 43.35 16.39 -2.40
C THR B 22 43.43 14.87 -2.40
N GLU B 23 44.62 14.36 -2.74
CA GLU B 23 44.83 12.92 -2.75
C GLU B 23 44.60 12.33 -1.35
N ALA B 24 45.07 13.03 -0.32
CA ALA B 24 44.87 12.54 1.05
C ALA B 24 43.40 12.54 1.43
N GLU B 25 42.67 13.61 1.09
CA GLU B 25 41.25 13.66 1.42
C GLU B 25 40.48 12.54 0.75
N LEU B 26 40.82 12.23 -0.50
CA LEU B 26 40.14 11.16 -1.22
C LEU B 26 40.42 9.81 -0.56
N HIS B 27 41.68 9.55 -0.23
CA HIS B 27 42.02 8.27 0.41
C HIS B 27 41.34 8.12 1.75
N THR B 28 41.25 9.21 2.53
CA THR B 28 40.58 9.14 3.82
C THR B 28 39.10 8.78 3.66
N ARG B 29 38.43 9.40 2.70
CA ARG B 29 37.03 9.07 2.44
C ARG B 29 36.89 7.65 1.90
N MET B 30 37.82 7.23 1.04
CA MET B 30 37.75 5.88 0.49
C MET B 30 37.96 4.81 1.56
N ARG B 31 38.69 5.14 2.63
CA ARG B 31 38.85 4.17 3.72
C ARG B 31 37.57 4.04 4.53
N GLY B 32 36.84 5.15 4.70
CA GLY B 32 35.54 5.05 5.35
C GLY B 32 34.53 4.30 4.50
N VAL B 33 34.58 4.51 3.19
CA VAL B 33 33.68 3.78 2.29
C VAL B 33 34.03 2.30 2.27
N ALA B 34 35.32 1.97 2.26
CA ALA B 34 35.74 0.56 2.23
C ALA B 34 35.32 -0.16 3.49
N GLN B 35 35.21 0.55 4.63
CA GLN B 35 34.71 -0.07 5.84
C GLN B 35 33.23 -0.41 5.73
N ARG B 36 32.45 0.46 5.08
CA ARG B 36 31.04 0.18 4.85
C ARG B 36 30.88 -1.01 3.91
N ILE B 37 31.64 -1.02 2.81
CA ILE B 37 31.55 -2.12 1.85
C ILE B 37 31.96 -3.43 2.51
N ALA B 38 32.95 -3.38 3.42
CA ALA B 38 33.36 -4.59 4.12
C ALA B 38 32.24 -5.11 5.01
N ASP B 39 31.57 -4.22 5.75
CA ASP B 39 30.49 -4.66 6.63
C ASP B 39 29.27 -5.10 5.85
N ASP B 40 28.95 -4.40 4.75
CA ASP B 40 27.77 -4.75 3.97
C ASP B 40 27.95 -6.07 3.23
N TYR B 41 29.18 -6.40 2.84
CA TYR B 41 29.47 -7.64 2.13
C TYR B 41 30.05 -8.72 3.03
N SER B 42 30.02 -8.51 4.35
CA SER B 42 30.50 -9.54 5.28
C SER B 42 29.58 -10.76 5.30
N ASN B 43 28.31 -10.59 4.96
CA ASN B 43 27.36 -11.69 4.91
C ASN B 43 27.38 -12.45 3.59
N CYS B 44 28.36 -12.16 2.73
CA CYS B 44 28.44 -12.79 1.41
C CYS B 44 29.48 -13.90 1.34
N ASN B 45 30.36 -14.01 2.34
CA ASN B 45 31.45 -14.98 2.33
C ASN B 45 32.32 -14.83 1.08
N LEU B 46 32.94 -13.65 0.98
CA LEU B 46 33.82 -13.36 -0.13
C LEU B 46 35.18 -14.00 0.11
N LYS B 47 35.64 -14.82 -0.85
CA LYS B 47 36.92 -15.47 -0.78
C LYS B 47 37.64 -15.31 -2.11
N PRO B 48 38.97 -15.21 -2.09
CA PRO B 48 39.73 -15.14 -3.35
C PRO B 48 39.43 -16.35 -4.24
N LEU B 49 39.46 -16.11 -5.55
CA LEU B 49 39.24 -17.12 -6.57
C LEU B 49 37.80 -17.62 -6.63
N GLU B 50 37.32 -18.24 -5.54
CA GLU B 50 36.04 -18.94 -5.62
C GLU B 50 34.85 -17.98 -5.60
N ASN B 51 34.93 -16.89 -4.84
CA ASN B 51 33.82 -15.92 -4.74
C ASN B 51 34.38 -14.53 -4.44
N PRO B 52 35.03 -13.90 -5.41
CA PRO B 52 35.51 -12.54 -5.22
C PRO B 52 34.47 -11.50 -5.65
N LEU B 53 34.61 -10.31 -5.08
CA LEU B 53 33.77 -9.18 -5.47
C LEU B 53 34.21 -8.68 -6.85
N VAL B 54 33.32 -8.79 -7.83
CA VAL B 54 33.66 -8.41 -9.19
C VAL B 54 33.59 -6.89 -9.31
N ILE B 55 34.73 -6.26 -9.62
CA ILE B 55 34.83 -4.81 -9.76
C ILE B 55 34.78 -4.48 -11.24
N VAL B 56 33.72 -3.77 -11.65
CA VAL B 56 33.54 -3.37 -13.04
C VAL B 56 33.90 -1.89 -13.15
N SER B 57 35.01 -1.60 -13.83
CA SER B 57 35.54 -0.25 -13.95
C SER B 57 35.17 0.33 -15.31
N VAL B 58 34.66 1.57 -15.30
CA VAL B 58 34.21 2.23 -16.52
C VAL B 58 35.36 3.10 -17.04
N LEU B 59 36.04 2.61 -18.06
CA LEU B 59 37.15 3.33 -18.68
C LEU B 59 36.66 4.64 -19.30
N LYS B 60 37.52 5.66 -19.37
CA LYS B 60 38.91 5.56 -18.92
C LYS B 60 39.12 6.15 -17.53
N GLY B 61 38.40 7.22 -17.22
CA GLY B 61 38.67 8.02 -16.03
C GLY B 61 38.66 7.25 -14.72
N SER B 62 37.95 6.12 -14.67
CA SER B 62 37.84 5.39 -13.41
C SER B 62 39.05 4.50 -13.13
N PHE B 63 40.08 4.53 -13.97
CA PHE B 63 41.20 3.60 -13.78
C PHE B 63 42.07 4.00 -12.59
N VAL B 64 42.23 5.30 -12.33
CA VAL B 64 42.95 5.74 -11.16
C VAL B 64 42.19 5.38 -9.89
N PHE B 65 40.89 5.69 -9.87
CA PHE B 65 40.06 5.38 -8.71
C PHE B 65 39.97 3.89 -8.47
N THR B 66 39.86 3.10 -9.55
CA THR B 66 39.79 1.65 -9.40
C THR B 66 41.07 1.08 -8.81
N ALA B 67 42.23 1.58 -9.28
CA ALA B 67 43.50 1.05 -8.80
C ALA B 67 43.70 1.33 -7.32
N ASP B 68 43.27 2.51 -6.85
CA ASP B 68 43.41 2.82 -5.44
C ASP B 68 42.37 2.13 -4.58
N MET B 69 41.15 1.96 -5.10
CA MET B 69 40.06 1.45 -4.27
C MET B 69 40.19 -0.05 -4.01
N VAL B 70 40.60 -0.83 -5.02
CA VAL B 70 40.72 -2.27 -4.83
C VAL B 70 41.79 -2.60 -3.80
N ARG B 71 42.85 -1.78 -3.73
CA ARG B 71 43.89 -2.01 -2.73
C ARG B 71 43.42 -1.62 -1.33
N ILE B 72 42.58 -0.58 -1.22
CA ILE B 72 42.01 -0.24 0.08
C ILE B 72 41.00 -1.30 0.50
N LEU B 73 40.18 -1.79 -0.44
CA LEU B 73 39.29 -2.90 -0.15
C LEU B 73 40.07 -4.14 0.29
N GLY B 74 41.23 -4.36 -0.33
CA GLY B 74 42.06 -5.47 0.09
C GLY B 74 42.57 -5.31 1.51
N ASP B 75 42.88 -4.06 1.90
CA ASP B 75 43.29 -3.80 3.27
C ASP B 75 42.17 -4.04 4.27
N PHE B 76 40.91 -3.97 3.83
CA PHE B 76 39.76 -4.19 4.69
C PHE B 76 39.19 -5.61 4.53
N GLY B 77 39.96 -6.52 3.94
CA GLY B 77 39.52 -7.90 3.82
C GLY B 77 38.51 -8.18 2.74
N VAL B 78 38.42 -7.32 1.73
CA VAL B 78 37.47 -7.52 0.64
C VAL B 78 38.23 -7.95 -0.60
N PRO B 79 38.23 -9.24 -0.95
CA PRO B 79 38.93 -9.69 -2.16
C PRO B 79 38.14 -9.35 -3.41
N THR B 80 38.85 -8.88 -4.43
CA THR B 80 38.20 -8.37 -5.63
C THR B 80 38.79 -9.00 -6.88
N ARG B 81 38.08 -8.78 -7.98
CA ARG B 81 38.48 -9.17 -9.33
C ARG B 81 37.92 -8.12 -10.28
N VAL B 82 38.76 -7.60 -11.16
CA VAL B 82 38.44 -6.39 -11.91
C VAL B 82 38.10 -6.73 -13.35
N GLU B 83 37.10 -6.02 -13.89
CA GLU B 83 36.78 -5.99 -15.31
C GLU B 83 36.80 -4.55 -15.78
N PHE B 84 36.80 -4.34 -17.09
CA PHE B 84 36.89 -3.01 -17.67
C PHE B 84 35.92 -2.88 -18.82
N LEU B 85 35.04 -1.88 -18.75
CA LEU B 85 34.10 -1.57 -19.80
C LEU B 85 34.53 -0.32 -20.55
N ARG B 86 34.18 -0.26 -21.84
CA ARG B 86 34.55 0.84 -22.71
C ARG B 86 36.07 1.02 -22.78
N ILE B 110 29.92 -13.89 -14.72
CA ILE B 110 29.30 -12.73 -14.08
C ILE B 110 28.06 -13.18 -13.30
N ARG B 111 27.41 -14.23 -13.80
CA ARG B 111 26.19 -14.72 -13.17
C ARG B 111 26.48 -15.31 -11.80
N GLY B 112 25.60 -15.01 -10.84
CA GLY B 112 25.70 -15.55 -9.51
C GLY B 112 26.71 -14.89 -8.60
N LYS B 113 27.45 -13.89 -9.10
CA LYS B 113 28.46 -13.22 -8.32
C LYS B 113 28.03 -11.79 -7.98
N HIS B 114 28.65 -11.23 -6.94
CA HIS B 114 28.37 -9.87 -6.54
C HIS B 114 29.17 -8.89 -7.38
N VAL B 115 28.48 -7.89 -7.94
CA VAL B 115 29.08 -6.94 -8.87
C VAL B 115 29.05 -5.55 -8.24
N LEU B 116 30.17 -4.85 -8.31
CA LEU B 116 30.26 -3.47 -7.84
C LEU B 116 30.84 -2.63 -8.98
N VAL B 117 29.99 -1.81 -9.59
CA VAL B 117 30.42 -0.93 -10.68
C VAL B 117 31.09 0.30 -10.09
N LEU B 118 32.26 0.64 -10.61
CA LEU B 118 33.00 1.83 -10.18
C LEU B 118 33.08 2.82 -11.33
N GLU B 119 32.84 4.09 -11.03
CA GLU B 119 32.98 5.15 -12.01
C GLU B 119 33.64 6.35 -11.35
N ASP B 120 34.41 7.08 -12.15
CA ASP B 120 35.13 8.23 -11.61
C ASP B 120 34.17 9.36 -11.23
N ILE B 121 33.20 9.66 -12.10
CA ILE B 121 32.26 10.74 -11.86
C ILE B 121 30.86 10.28 -12.21
N LEU B 122 29.88 10.80 -11.47
CA LEU B 122 28.47 10.50 -11.70
C LEU B 122 27.76 11.83 -11.95
N ASP B 123 27.43 12.10 -13.22
CA ASP B 123 26.85 13.37 -13.62
C ASP B 123 25.41 13.19 -14.09
N THR B 124 25.23 12.95 -15.38
CA THR B 124 23.89 12.73 -15.92
C THR B 124 23.33 11.37 -15.54
N ALA B 125 24.18 10.44 -15.12
CA ALA B 125 23.80 9.08 -14.75
C ALA B 125 23.26 8.28 -15.92
N LEU B 126 23.30 8.82 -17.14
CA LEU B 126 22.78 8.10 -18.29
C LEU B 126 23.66 6.89 -18.63
N THR B 127 24.98 7.03 -18.53
CA THR B 127 25.86 5.90 -18.83
C THR B 127 25.81 4.87 -17.71
N LEU B 128 25.81 5.31 -16.46
CA LEU B 128 25.82 4.38 -15.33
C LEU B 128 24.52 3.58 -15.26
N ARG B 129 23.39 4.20 -15.60
CA ARG B 129 22.13 3.47 -15.63
C ARG B 129 22.14 2.40 -16.71
N GLU B 130 22.72 2.71 -17.87
CA GLU B 130 22.78 1.73 -18.94
C GLU B 130 23.71 0.57 -18.59
N VAL B 131 24.83 0.86 -17.92
CA VAL B 131 25.77 -0.19 -17.54
C VAL B 131 25.12 -1.15 -16.55
N VAL B 132 24.48 -0.60 -15.51
CA VAL B 132 23.84 -1.44 -14.49
C VAL B 132 22.77 -2.32 -15.13
N ASP B 133 21.92 -1.73 -15.97
CA ASP B 133 20.85 -2.50 -16.60
C ASP B 133 21.41 -3.52 -17.58
N SER B 134 22.50 -3.19 -18.27
CA SER B 134 23.13 -4.15 -19.17
CA SER B 134 23.13 -4.15 -19.16
C SER B 134 23.74 -5.32 -18.40
N LEU B 135 24.29 -5.04 -17.22
CA LEU B 135 24.88 -6.10 -16.41
C LEU B 135 23.81 -6.97 -15.75
N LYS B 136 22.62 -6.42 -15.52
CA LYS B 136 21.54 -7.20 -14.93
C LYS B 136 21.02 -8.27 -15.87
N LYS B 137 21.19 -8.11 -17.18
CA LYS B 137 20.78 -9.16 -18.11
C LYS B 137 21.67 -10.39 -18.02
N SER B 138 22.90 -10.24 -17.53
CA SER B 138 23.73 -11.39 -17.19
C SER B 138 23.33 -12.00 -15.85
N GLU B 139 22.41 -11.37 -15.12
CA GLU B 139 21.86 -11.84 -13.85
C GLU B 139 22.94 -12.11 -12.82
N PRO B 140 23.49 -11.06 -12.20
CA PRO B 140 24.43 -11.27 -11.09
C PRO B 140 23.69 -11.51 -9.78
N ALA B 141 24.47 -11.85 -8.75
CA ALA B 141 23.89 -12.04 -7.43
C ALA B 141 23.35 -10.73 -6.88
N SER B 142 24.19 -9.70 -6.84
CA SER B 142 23.79 -8.36 -6.41
C SER B 142 24.72 -7.36 -7.05
N ILE B 143 24.15 -6.26 -7.56
CA ILE B 143 24.91 -5.23 -8.25
C ILE B 143 24.69 -3.90 -7.55
N LYS B 144 25.78 -3.24 -7.19
CA LYS B 144 25.76 -1.92 -6.56
C LYS B 144 26.72 -1.00 -7.30
N THR B 145 26.76 0.26 -6.86
CA THR B 145 27.55 1.29 -7.53
CA THR B 145 27.56 1.28 -7.53
C THR B 145 28.34 2.09 -6.50
N LEU B 146 29.62 2.34 -6.80
CA LEU B 146 30.48 3.20 -6.02
C LEU B 146 31.13 4.21 -6.95
N VAL B 147 31.00 5.48 -6.62
CA VAL B 147 31.56 6.56 -7.43
C VAL B 147 32.51 7.38 -6.57
N ALA B 148 33.51 7.97 -7.21
CA ALA B 148 34.47 8.82 -6.51
C ALA B 148 33.99 10.26 -6.41
N ILE B 149 33.43 10.80 -7.49
CA ILE B 149 32.91 12.16 -7.53
C ILE B 149 31.46 12.10 -7.97
N ASP B 150 30.57 12.65 -7.15
CA ASP B 150 29.14 12.68 -7.45
C ASP B 150 28.73 14.13 -7.67
N LYS B 151 28.15 14.42 -8.84
CA LYS B 151 27.57 15.71 -9.16
C LYS B 151 26.06 15.56 -9.22
N PRO B 152 25.36 15.66 -8.08
CA PRO B 152 23.90 15.45 -8.10
C PRO B 152 23.15 16.49 -8.91
N GLY B 153 23.71 17.69 -9.09
CA GLY B 153 23.04 18.73 -9.85
C GLY B 153 23.01 18.53 -11.35
N GLY B 154 23.64 17.47 -11.86
CA GLY B 154 23.65 17.19 -13.28
C GLY B 154 22.79 16.03 -13.74
N ARG B 155 21.90 15.51 -12.89
CA ARG B 155 21.11 14.34 -13.24
C ARG B 155 20.14 14.65 -14.36
N LYS B 156 20.19 13.84 -15.43
CA LYS B 156 19.11 13.81 -16.41
C LYS B 156 18.04 12.80 -16.03
N ILE B 157 18.38 11.82 -15.20
CA ILE B 157 17.41 10.84 -14.68
C ILE B 157 17.71 10.58 -13.22
N PRO B 158 16.67 10.22 -12.46
CA PRO B 158 16.89 9.88 -11.04
C PRO B 158 17.79 8.66 -10.90
N PHE B 159 18.87 8.82 -10.13
CA PHE B 159 19.81 7.74 -9.89
C PHE B 159 20.61 8.04 -8.62
N THR B 160 20.78 7.02 -7.78
CA THR B 160 21.50 7.16 -6.52
C THR B 160 22.55 6.06 -6.43
N ALA B 161 23.80 6.45 -6.25
CA ALA B 161 24.86 5.48 -6.04
C ALA B 161 24.83 4.96 -4.61
N GLU B 162 25.09 3.66 -4.44
CA GLU B 162 25.11 3.09 -3.11
C GLU B 162 26.21 3.70 -2.26
N TYR B 163 27.38 3.96 -2.85
CA TYR B 163 28.51 4.50 -2.13
C TYR B 163 29.08 5.69 -2.92
N VAL B 164 29.32 6.79 -2.21
CA VAL B 164 29.85 8.01 -2.82
C VAL B 164 31.04 8.48 -2.00
N VAL B 165 32.18 8.66 -2.66
CA VAL B 165 33.37 9.13 -1.96
C VAL B 165 33.23 10.61 -1.62
N ALA B 166 32.96 11.45 -2.62
CA ALA B 166 32.86 12.88 -2.40
C ALA B 166 31.84 13.47 -3.37
N ASP B 167 31.22 14.56 -2.93
CA ASP B 167 30.26 15.30 -3.76
C ASP B 167 30.92 16.58 -4.28
N VAL B 168 30.50 16.97 -5.47
CA VAL B 168 31.03 18.17 -6.13
C VAL B 168 29.86 18.93 -6.74
N PRO B 169 29.79 20.27 -6.57
CA PRO B 169 28.72 21.04 -7.21
C PRO B 169 28.88 21.11 -8.72
N ASN B 170 27.98 21.83 -9.39
CA ASN B 170 28.01 21.87 -10.84
C ASN B 170 29.15 22.75 -11.36
N VAL B 171 30.38 22.24 -11.24
CA VAL B 171 31.55 22.86 -11.83
C VAL B 171 32.36 21.76 -12.52
N PHE B 172 33.13 22.15 -13.54
CA PHE B 172 33.92 21.18 -14.29
C PHE B 172 35.24 20.93 -13.57
N VAL B 173 35.47 19.68 -13.18
CA VAL B 173 36.65 19.29 -12.44
C VAL B 173 37.49 18.33 -13.27
N VAL B 174 38.80 18.33 -13.01
CA VAL B 174 39.74 17.41 -13.62
C VAL B 174 40.60 16.80 -12.53
N GLY B 175 41.39 15.81 -12.91
CA GLY B 175 42.28 15.12 -11.99
C GLY B 175 41.65 13.88 -11.40
N TYR B 176 42.52 13.06 -10.80
CA TYR B 176 42.13 11.77 -10.24
C TYR B 176 41.34 10.94 -11.25
N GLY B 177 41.88 10.86 -12.47
CA GLY B 177 41.25 10.17 -13.56
C GLY B 177 40.42 11.05 -14.47
N LEU B 178 39.78 12.08 -13.91
CA LEU B 178 38.96 12.98 -14.71
C LEU B 178 39.83 13.81 -15.64
N ASP B 179 39.33 14.05 -16.85
CA ASP B 179 40.12 14.68 -17.90
C ASP B 179 39.42 15.92 -18.44
N TYR B 180 40.19 16.74 -19.15
CA TYR B 180 39.69 17.70 -20.11
C TYR B 180 40.36 17.39 -21.45
N ASP B 181 39.62 16.78 -22.36
CA ASP B 181 40.14 16.37 -23.67
C ASP B 181 41.38 15.49 -23.49
N GLN B 182 41.23 14.43 -22.71
CA GLN B 182 42.21 13.37 -22.47
C GLN B 182 43.42 13.83 -21.67
N SER B 183 43.46 15.08 -21.19
CA SER B 183 44.58 15.57 -20.41
C SER B 183 44.14 15.85 -18.98
N TYR B 184 45.14 15.98 -18.10
CA TYR B 184 44.98 16.29 -16.68
C TYR B 184 44.37 15.14 -15.89
N ARG B 185 44.37 13.92 -16.44
CA ARG B 185 43.98 12.77 -15.63
C ARG B 185 44.99 12.50 -14.52
N GLU B 186 46.26 12.81 -14.76
CA GLU B 186 47.34 12.48 -13.84
C GLU B 186 47.45 13.46 -12.67
N VAL B 187 46.59 14.49 -12.62
CA VAL B 187 46.58 15.38 -11.47
C VAL B 187 46.13 14.59 -10.25
N ARG B 188 46.94 14.63 -9.19
CA ARG B 188 46.66 13.82 -8.01
C ARG B 188 45.45 14.31 -7.23
N ASP B 189 44.93 15.50 -7.52
CA ASP B 189 43.82 16.08 -6.80
C ASP B 189 42.68 16.41 -7.75
N VAL B 190 41.47 16.43 -7.21
CA VAL B 190 40.30 16.89 -7.96
C VAL B 190 40.26 18.41 -7.85
N VAL B 191 40.53 19.10 -8.96
CA VAL B 191 40.64 20.55 -8.98
C VAL B 191 39.65 21.11 -9.99
N ILE B 192 39.35 22.39 -9.82
CA ILE B 192 38.50 23.12 -10.76
C ILE B 192 39.38 23.72 -11.85
N LEU B 193 39.05 23.43 -13.10
CA LEU B 193 39.85 23.91 -14.21
C LEU B 193 39.65 25.42 -14.40
N LYS B 194 40.59 26.03 -15.14
CA LYS B 194 40.53 27.45 -15.42
C LYS B 194 40.00 27.70 -16.82
N PRO B 195 39.09 28.67 -16.99
CA PRO B 195 38.57 28.97 -18.33
C PRO B 195 39.65 29.27 -19.35
N SER B 196 40.72 29.96 -18.94
CA SER B 196 41.83 30.25 -19.84
C SER B 196 42.43 28.99 -20.45
N VAL B 197 42.25 27.83 -19.82
CA VAL B 197 42.75 26.58 -20.37
C VAL B 197 41.87 26.13 -21.54
N TYR B 198 40.57 26.05 -21.33
CA TYR B 198 39.66 25.57 -22.36
C TYR B 198 39.06 26.69 -23.21
N GLU B 199 39.45 27.94 -22.98
CA GLU B 199 39.16 29.00 -23.93
C GLU B 199 40.25 29.12 -24.99
N THR B 200 41.50 28.90 -24.59
CA THR B 200 42.60 28.91 -25.55
C THR B 200 42.61 27.65 -26.41
N TRP B 201 42.34 26.50 -25.78
CA TRP B 201 42.34 25.24 -26.53
C TRP B 201 41.16 25.16 -27.50
N GLY B 202 40.05 25.83 -27.19
CA GLY B 202 38.92 25.81 -28.10
C GLY B 202 39.21 26.52 -29.41
N LYS B 203 40.05 27.56 -29.37
CA LYS B 203 40.40 28.29 -30.59
C LYS B 203 41.53 27.60 -31.34
N GLU B 204 42.52 27.05 -30.61
CA GLU B 204 43.59 26.30 -31.24
C GLU B 204 43.05 25.07 -31.97
N LEU B 205 41.94 24.52 -31.49
CA LEU B 205 41.31 23.36 -32.11
C LEU B 205 40.80 23.73 -33.50
#